data_8F1X
#
_entry.id   8F1X
#
_cell.length_a   145.431
_cell.length_b   145.431
_cell.length_c   145.431
_cell.angle_alpha   90.00
_cell.angle_beta   90.00
_cell.angle_gamma   90.00
#
_symmetry.space_group_name_H-M   'I 2 3'
#
loop_
_entity.id
_entity.type
_entity.pdbx_description
1 polymer 'Epidermal growth factor receptor'
2 non-polymer 'propan-2-yl 2-[[4-[2-(dimethylamino)ethyl-methyl-amino]-2-methoxy-5-(propanoylamino)phenyl]amino]-4-(1-methylindol-3-yl)pyrimidine-5-carboxylate'
3 water water
#
_entity_poly.entity_id   1
_entity_poly.type   'polypeptide(L)'
_entity_poly.pdbx_seq_one_letter_code
;GSTSGEAPNQALLRILKETEFKKIKVLGSGAFGTVYKGLWIPEGEKVKIPVAIKELREATSPKANKEILDEAYVMASVDN
PHVCRLLGICLTSTVQLITQLMPFGCLLDYVREHKDNIGSQYLLNWCVQIAKGMNYLEDRRLVHRDLAARNVLVKTPQHV
KITDFGLAKLLGAEEKEYHAEGGKVPIKWMALESILHRIYTHQSDVWSYGVTVWELMTFGSKPYDGIPASEISSILEKGE
RLPQPPICTIDVYMIMVKCWMIDADSRPKFRELIIEFSKMARDPQRYLVIQGDERMHLPSPTDSNFYRALMDEEDMDDVV
DADEYLIPQQG
;
_entity_poly.pdbx_strand_id   A
#
loop_
_chem_comp.id
_chem_comp.type
_chem_comp.name
_chem_comp.formula
R28 non-polymer 'propan-2-yl 2-[[4-[2-(dimethylamino)ethyl-methyl-amino]-2-methoxy-5-(propanoylamino)phenyl]amino]-4-(1-methylindol-3-yl)pyrimidine-5-carboxylate' 'C32 H41 N7 O4'
#
# COMPACT_ATOMS: atom_id res chain seq x y z
N GLY A 5 -4.53 17.31 22.50
CA GLY A 5 -3.22 17.95 22.26
C GLY A 5 -2.48 17.24 21.16
N GLU A 6 -3.02 17.27 19.94
CA GLU A 6 -2.38 16.45 18.89
C GLU A 6 -1.73 17.31 17.81
N ALA A 7 -1.55 18.61 18.04
CA ALA A 7 -0.82 19.44 17.04
C ALA A 7 -1.67 19.74 15.80
N PRO A 8 -1.71 21.01 15.37
CA PRO A 8 -2.55 21.44 14.24
C PRO A 8 -2.08 20.82 12.94
N ASN A 9 -3.06 20.36 12.14
CA ASN A 9 -2.78 19.73 10.85
C ASN A 9 -2.80 20.80 9.77
N GLN A 10 -1.66 21.48 9.63
CA GLN A 10 -1.52 22.57 8.67
C GLN A 10 -1.23 22.09 7.25
N ALA A 11 -1.58 20.85 6.92
CA ALA A 11 -1.40 20.37 5.55
C ALA A 11 -2.27 21.17 4.59
N LEU A 12 -1.80 21.28 3.36
CA LEU A 12 -2.46 22.06 2.33
C LEU A 12 -3.21 21.14 1.38
N LEU A 13 -4.45 21.50 1.07
CA LEU A 13 -5.28 20.74 0.14
C LEU A 13 -5.34 21.51 -1.17
N ARG A 14 -4.77 20.93 -2.23
CA ARG A 14 -4.70 21.58 -3.52
C ARG A 14 -5.93 21.23 -4.34
N ILE A 15 -6.52 22.24 -4.98
CA ILE A 15 -7.69 22.05 -5.84
C ILE A 15 -7.22 22.16 -7.28
N LEU A 16 -7.51 21.14 -8.08
CA LEU A 16 -7.07 21.09 -9.47
C LEU A 16 -8.23 21.43 -10.40
N LYS A 17 -7.95 22.24 -11.41
CA LYS A 17 -8.94 22.50 -12.46
C LYS A 17 -9.04 21.29 -13.37
N GLU A 18 -10.29 20.94 -13.72
CA GLU A 18 -10.50 19.77 -14.59
C GLU A 18 -9.85 19.96 -15.94
N THR A 19 -9.70 21.21 -16.40
CA THR A 19 -9.05 21.50 -17.67
C THR A 19 -7.55 21.21 -17.64
N GLU A 20 -6.97 20.95 -16.47
CA GLU A 20 -5.53 20.78 -16.34
C GLU A 20 -5.07 19.34 -16.51
N PHE A 21 -5.97 18.35 -16.40
CA PHE A 21 -5.58 16.96 -16.52
C PHE A 21 -6.51 16.22 -17.47
N LYS A 22 -5.97 15.22 -18.14
CA LYS A 22 -6.68 14.44 -19.15
C LYS A 22 -6.67 12.97 -18.76
N LYS A 23 -7.85 12.37 -18.72
CA LYS A 23 -7.97 10.93 -18.48
C LYS A 23 -7.50 10.19 -19.73
N ILE A 24 -6.29 9.64 -19.68
CA ILE A 24 -5.73 8.98 -20.86
C ILE A 24 -6.34 7.59 -21.04
N LYS A 25 -6.50 6.84 -19.96
CA LYS A 25 -7.06 5.49 -20.04
C LYS A 25 -7.65 5.13 -18.68
N VAL A 26 -8.37 4.02 -18.65
CA VAL A 26 -8.99 3.50 -17.43
C VAL A 26 -8.15 2.34 -16.92
N LEU A 27 -7.93 2.30 -15.60
CA LEU A 27 -7.10 1.27 -14.99
C LEU A 27 -7.90 0.17 -14.31
N GLY A 28 -9.02 0.50 -13.67
CA GLY A 28 -9.82 -0.51 -13.02
C GLY A 28 -11.10 -0.01 -12.37
N SER A 29 -12.22 -0.58 -12.76
CA SER A 29 -13.50 -0.27 -12.13
C SER A 29 -13.69 -1.15 -10.90
N GLY A 30 -14.80 -0.93 -10.19
CA GLY A 30 -15.09 -1.71 -9.01
C GLY A 30 -16.15 -1.03 -8.17
N ALA A 31 -16.30 -1.54 -6.94
CA ALA A 31 -17.28 -0.98 -6.01
C ALA A 31 -16.95 0.47 -5.65
N PHE A 32 -15.66 0.80 -5.58
CA PHE A 32 -15.25 2.18 -5.31
C PHE A 32 -15.71 3.11 -6.43
N GLY A 33 -15.35 2.79 -7.67
CA GLY A 33 -15.67 3.60 -8.82
C GLY A 33 -14.83 3.21 -10.02
N THR A 34 -14.08 4.17 -10.56
CA THR A 34 -13.14 3.90 -11.65
C THR A 34 -11.87 4.69 -11.40
N VAL A 35 -10.73 4.01 -11.50
CA VAL A 35 -9.43 4.64 -11.39
C VAL A 35 -8.86 4.79 -12.81
N TYR A 36 -8.55 6.02 -13.19
CA TYR A 36 -7.98 6.32 -14.48
C TYR A 36 -6.50 6.66 -14.33
N LYS A 37 -5.73 6.37 -15.37
CA LYS A 37 -4.40 6.93 -15.52
C LYS A 37 -4.48 8.14 -16.46
N GLY A 38 -3.65 9.13 -16.22
CA GLY A 38 -3.70 10.30 -17.07
C GLY A 38 -2.52 11.22 -16.82
N LEU A 39 -2.57 12.37 -17.47
CA LEU A 39 -1.54 13.38 -17.39
C LEU A 39 -2.10 14.64 -16.75
N TRP A 40 -1.34 15.23 -15.83
CA TRP A 40 -1.67 16.50 -15.22
C TRP A 40 -0.67 17.54 -15.70
N ILE A 41 -1.17 18.59 -16.34
CA ILE A 41 -0.35 19.69 -16.84
C ILE A 41 -0.76 20.96 -16.12
N PRO A 42 -0.05 21.34 -15.06
CA PRO A 42 -0.33 22.64 -14.42
C PRO A 42 -0.06 23.78 -15.39
N GLU A 43 -1.01 24.70 -15.49
CA GLU A 43 -0.92 25.78 -16.46
C GLU A 43 0.25 26.70 -16.12
N GLY A 44 1.00 27.09 -17.14
CA GLY A 44 2.18 27.93 -16.99
C GLY A 44 3.47 27.13 -16.80
N GLU A 45 3.41 26.08 -15.99
CA GLU A 45 4.57 25.22 -15.77
C GLU A 45 4.68 24.21 -16.90
N LYS A 46 5.83 24.18 -17.57
CA LYS A 46 6.05 23.24 -18.68
C LYS A 46 6.41 21.86 -18.14
N VAL A 47 5.44 21.27 -17.44
CA VAL A 47 5.59 19.93 -16.86
C VAL A 47 4.35 19.12 -17.18
N LYS A 48 4.55 17.80 -17.33
CA LYS A 48 3.47 16.86 -17.56
C LYS A 48 3.64 15.73 -16.54
N ILE A 49 2.72 15.65 -15.59
CA ILE A 49 2.84 14.77 -14.44
C ILE A 49 1.92 13.58 -14.63
N PRO A 50 2.42 12.35 -14.69
CA PRO A 50 1.55 11.18 -14.79
C PRO A 50 0.81 10.97 -13.47
N VAL A 51 -0.53 10.86 -13.56
CA VAL A 51 -1.37 10.82 -12.38
C VAL A 51 -2.35 9.66 -12.47
N ALA A 52 -2.90 9.30 -11.31
CA ALA A 52 -4.02 8.38 -11.21
C ALA A 52 -5.23 9.14 -10.67
N ILE A 53 -6.38 8.92 -11.29
CA ILE A 53 -7.60 9.68 -11.01
C ILE A 53 -8.69 8.70 -10.62
N LYS A 54 -9.25 8.92 -9.43
CA LYS A 54 -10.33 8.05 -8.93
C LYS A 54 -11.63 8.82 -8.80
N GLU A 55 -12.69 8.36 -9.46
CA GLU A 55 -14.04 8.97 -9.28
C GLU A 55 -14.93 7.85 -8.74
N LEU A 56 -15.64 8.10 -7.63
CA LEU A 56 -16.44 7.03 -6.98
C LEU A 56 -17.80 6.87 -7.69
N THR A 60 -25.20 11.59 -7.10
CA THR A 60 -23.81 11.70 -6.57
C THR A 60 -23.83 11.23 -5.13
N SER A 61 -24.50 10.10 -4.88
CA SER A 61 -24.57 9.53 -3.52
C SER A 61 -23.76 10.40 -2.56
N PRO A 62 -24.35 11.43 -1.95
CA PRO A 62 -23.64 12.28 -1.01
C PRO A 62 -22.60 11.49 -0.22
N LYS A 63 -22.90 10.24 0.12
CA LYS A 63 -21.97 9.40 0.91
C LYS A 63 -20.63 9.27 0.18
N ALA A 64 -20.69 8.91 -1.09
CA ALA A 64 -19.45 8.73 -1.88
C ALA A 64 -18.60 9.98 -1.74
N ASN A 65 -19.18 11.12 -2.09
CA ASN A 65 -18.45 12.40 -1.96
C ASN A 65 -17.93 12.50 -0.53
N LYS A 66 -18.64 11.93 0.45
CA LYS A 66 -18.09 12.07 1.79
C LYS A 66 -16.88 11.17 2.01
N GLU A 67 -16.92 9.94 1.49
CA GLU A 67 -15.83 9.01 1.71
C GLU A 67 -14.59 9.40 0.91
N ILE A 68 -14.77 9.94 -0.29
CA ILE A 68 -13.62 10.31 -1.10
C ILE A 68 -12.88 11.49 -0.49
N LEU A 69 -13.59 12.36 0.24
CA LEU A 69 -12.94 13.50 0.90
C LEU A 69 -12.20 13.07 2.16
N ASP A 70 -12.71 12.07 2.87
CA ASP A 70 -11.98 11.51 4.01
C ASP A 70 -10.64 10.95 3.56
N GLU A 71 -10.64 10.21 2.45
CA GLU A 71 -9.40 9.67 1.92
C GLU A 71 -8.45 10.79 1.49
N ALA A 72 -9.00 11.87 0.93
CA ALA A 72 -8.18 13.00 0.54
C ALA A 72 -7.58 13.69 1.76
N TYR A 73 -8.35 13.79 2.85
CA TYR A 73 -7.83 14.39 4.07
C TYR A 73 -6.63 13.60 4.59
N VAL A 74 -6.74 12.27 4.61
CA VAL A 74 -5.67 11.43 5.13
C VAL A 74 -4.43 11.54 4.24
N MET A 75 -4.61 11.42 2.93
CA MET A 75 -3.46 11.42 2.03
C MET A 75 -2.75 12.76 2.00
N ALA A 76 -3.49 13.85 2.18
CA ALA A 76 -2.87 15.17 2.25
C ALA A 76 -2.03 15.35 3.52
N SER A 77 -2.23 14.49 4.52
CA SER A 77 -1.53 14.61 5.80
C SER A 77 -0.27 13.76 5.88
N VAL A 78 0.04 12.98 4.86
CA VAL A 78 1.20 12.10 4.86
C VAL A 78 2.18 12.55 3.80
N ASP A 79 3.48 12.46 4.11
CA ASP A 79 4.54 12.83 3.18
C ASP A 79 5.74 11.97 3.52
N ASN A 80 5.90 10.86 2.79
CA ASN A 80 6.96 9.89 3.04
C ASN A 80 7.30 9.20 1.73
N PRO A 81 8.59 8.89 1.49
CA PRO A 81 8.97 8.25 0.23
C PRO A 81 8.32 6.88 -0.02
N HIS A 82 7.75 6.25 1.01
CA HIS A 82 7.12 4.94 0.85
C HIS A 82 5.62 4.98 1.18
N VAL A 83 5.01 6.15 0.99
CA VAL A 83 3.57 6.33 1.10
C VAL A 83 3.11 7.14 -0.11
N CYS A 84 2.00 6.73 -0.72
CA CYS A 84 1.54 7.36 -1.95
C CYS A 84 1.28 8.86 -1.73
N ARG A 85 1.71 9.66 -2.69
N ARG A 85 1.72 9.66 -2.69
CA ARG A 85 1.61 11.11 -2.58
CA ARG A 85 1.62 11.11 -2.60
C ARG A 85 0.32 11.62 -3.21
C ARG A 85 0.31 11.58 -3.20
N LEU A 86 -0.43 12.41 -2.46
CA LEU A 86 -1.65 13.02 -2.96
C LEU A 86 -1.30 14.32 -3.67
N LEU A 87 -1.86 14.50 -4.87
CA LEU A 87 -1.62 15.72 -5.62
C LEU A 87 -2.75 16.73 -5.47
N GLY A 88 -3.97 16.27 -5.23
CA GLY A 88 -5.07 17.16 -4.98
C GLY A 88 -6.39 16.51 -5.38
N ILE A 89 -7.44 17.33 -5.36
CA ILE A 89 -8.78 16.91 -5.72
C ILE A 89 -9.34 17.87 -6.76
N CYS A 90 -10.30 17.36 -7.52
CA CYS A 90 -11.02 18.16 -8.52
C CYS A 90 -12.49 18.19 -8.15
N LEU A 91 -13.06 19.39 -8.06
CA LEU A 91 -14.44 19.58 -7.60
C LEU A 91 -15.40 19.67 -8.79
N THR A 92 -15.52 18.54 -9.49
CA THR A 92 -16.52 18.41 -10.55
C THR A 92 -17.84 17.99 -9.90
N SER A 93 -18.79 17.52 -10.73
CA SER A 93 -20.05 17.01 -10.20
C SER A 93 -19.79 15.90 -9.18
N THR A 94 -18.94 14.94 -9.54
CA THR A 94 -18.40 13.98 -8.60
C THR A 94 -16.95 14.35 -8.30
N VAL A 95 -16.56 14.19 -7.04
CA VAL A 95 -15.22 14.58 -6.61
C VAL A 95 -14.22 13.53 -7.06
N GLN A 96 -13.07 13.99 -7.56
CA GLN A 96 -12.03 13.13 -8.08
C GLN A 96 -10.80 13.19 -7.18
N LEU A 97 -10.14 12.05 -6.99
CA LEU A 97 -8.89 11.95 -6.26
C LEU A 97 -7.74 11.88 -7.26
N ILE A 98 -6.81 12.83 -7.16
CA ILE A 98 -5.66 12.92 -8.06
C ILE A 98 -4.41 12.55 -7.26
N THR A 99 -3.79 11.42 -7.59
CA THR A 99 -2.59 10.97 -6.91
C THR A 99 -1.50 10.69 -7.94
N GLN A 100 -0.31 10.39 -7.43
CA GLN A 100 0.81 10.03 -8.28
C GLN A 100 0.56 8.68 -8.95
N LEU A 101 0.85 8.60 -10.24
CA LEU A 101 0.70 7.36 -10.97
C LEU A 101 1.87 6.42 -10.68
N MET A 102 1.54 5.20 -10.25
CA MET A 102 2.54 4.16 -10.01
C MET A 102 2.55 3.24 -11.23
N PRO A 103 3.51 3.39 -12.14
CA PRO A 103 3.36 2.79 -13.48
C PRO A 103 3.31 1.28 -13.49
N PHE A 104 3.93 0.59 -12.53
CA PHE A 104 4.01 -0.86 -12.58
C PHE A 104 2.87 -1.56 -11.83
N GLY A 105 1.91 -0.80 -11.30
CA GLY A 105 0.74 -1.42 -10.70
C GLY A 105 0.95 -1.87 -9.27
N CYS A 106 0.01 -2.67 -8.79
CA CYS A 106 0.06 -3.16 -7.43
C CYS A 106 1.05 -4.32 -7.30
N LEU A 107 1.57 -4.50 -6.09
CA LEU A 107 2.60 -5.50 -5.86
C LEU A 107 2.05 -6.92 -5.96
N LEU A 108 0.76 -7.11 -5.66
CA LEU A 108 0.16 -8.43 -5.75
C LEU A 108 0.15 -8.93 -7.19
N ASP A 109 -0.33 -8.08 -8.12
CA ASP A 109 -0.28 -8.46 -9.53
C ASP A 109 1.14 -8.56 -10.05
N TYR A 110 2.05 -7.74 -9.50
CA TYR A 110 3.42 -7.73 -10.00
C TYR A 110 4.15 -9.03 -9.69
N VAL A 111 4.01 -9.53 -8.47
CA VAL A 111 4.70 -10.77 -8.11
C VAL A 111 4.09 -11.96 -8.85
N ARG A 112 2.79 -11.90 -9.15
CA ARG A 112 2.17 -12.97 -9.93
C ARG A 112 2.63 -12.93 -11.38
N GLU A 113 2.80 -11.73 -11.94
CA GLU A 113 3.19 -11.61 -13.34
C GLU A 113 4.65 -11.95 -13.55
N HIS A 114 5.54 -11.47 -12.66
CA HIS A 114 6.98 -11.65 -12.79
C HIS A 114 7.52 -12.67 -11.80
N LYS A 115 6.79 -13.77 -11.60
CA LYS A 115 7.20 -14.77 -10.61
C LYS A 115 8.61 -15.31 -10.89
N ASP A 116 8.90 -15.60 -12.16
CA ASP A 116 10.17 -16.24 -12.49
C ASP A 116 11.33 -15.26 -12.63
N ASN A 117 11.14 -13.98 -12.29
CA ASN A 117 12.18 -12.99 -12.43
C ASN A 117 12.37 -12.16 -11.17
N ILE A 118 11.81 -12.59 -10.04
CA ILE A 118 11.90 -11.88 -8.77
C ILE A 118 12.89 -12.63 -7.88
N GLY A 119 14.00 -11.98 -7.56
CA GLY A 119 15.00 -12.56 -6.69
C GLY A 119 14.77 -12.19 -5.23
N SER A 120 15.63 -12.75 -4.38
CA SER A 120 15.52 -12.50 -2.95
C SER A 120 15.82 -11.05 -2.59
N GLN A 121 16.67 -10.39 -3.38
CA GLN A 121 17.01 -9.00 -3.09
C GLN A 121 15.78 -8.11 -3.18
N TYR A 122 14.98 -8.28 -4.24
CA TYR A 122 13.78 -7.47 -4.41
C TYR A 122 12.75 -7.76 -3.32
N LEU A 123 12.54 -9.04 -2.98
CA LEU A 123 11.55 -9.40 -1.98
C LEU A 123 11.89 -8.78 -0.62
N LEU A 124 13.14 -8.94 -0.18
CA LEU A 124 13.52 -8.41 1.12
C LEU A 124 13.52 -6.89 1.12
N ASN A 125 13.93 -6.26 0.00
CA ASN A 125 13.89 -4.80 -0.08
C ASN A 125 12.46 -4.29 0.01
N TRP A 126 11.52 -4.96 -0.66
CA TRP A 126 10.11 -4.57 -0.55
C TRP A 126 9.62 -4.66 0.88
N CYS A 127 10.08 -5.67 1.62
CA CYS A 127 9.67 -5.79 3.02
C CYS A 127 10.21 -4.64 3.86
N VAL A 128 11.42 -4.17 3.55
CA VAL A 128 11.99 -3.04 4.28
C VAL A 128 11.18 -1.77 3.98
N GLN A 129 10.87 -1.55 2.71
CA GLN A 129 10.20 -0.32 2.30
C GLN A 129 8.78 -0.25 2.85
N ILE A 130 8.06 -1.38 2.82
CA ILE A 130 6.71 -1.40 3.39
C ILE A 130 6.75 -1.13 4.89
N ALA A 131 7.76 -1.66 5.58
CA ALA A 131 7.88 -1.40 7.01
C ALA A 131 8.24 0.06 7.27
N LYS A 132 9.06 0.66 6.39
CA LYS A 132 9.39 2.08 6.55
C LYS A 132 8.14 2.95 6.41
N GLY A 133 7.31 2.66 5.40
CA GLY A 133 6.08 3.43 5.23
C GLY A 133 5.11 3.26 6.38
N MET A 134 4.96 2.02 6.86
CA MET A 134 4.07 1.78 8.00
C MET A 134 4.62 2.39 9.28
N ASN A 135 5.95 2.40 9.45
CA ASN A 135 6.53 3.06 10.62
C ASN A 135 6.28 4.56 10.58
N TYR A 136 6.31 5.16 9.39
CA TYR A 136 5.98 6.58 9.26
C TYR A 136 4.53 6.83 9.61
N LEU A 137 3.63 5.95 9.17
CA LEU A 137 2.22 6.09 9.50
C LEU A 137 1.99 5.98 11.00
N GLU A 138 2.78 5.13 11.67
CA GLU A 138 2.67 5.04 13.12
C GLU A 138 3.20 6.31 13.79
N ASP A 139 4.25 6.91 13.22
CA ASP A 139 4.75 8.19 13.73
C ASP A 139 3.67 9.26 13.59
N ARG A 140 2.89 9.22 12.52
CA ARG A 140 1.77 10.14 12.34
C ARG A 140 0.52 9.69 13.07
N ARG A 141 0.61 8.64 13.89
CA ARG A 141 -0.52 8.14 14.67
C ARG A 141 -1.68 7.75 13.77
N LEU A 142 -1.37 7.10 12.66
CA LEU A 142 -2.35 6.74 11.63
C LEU A 142 -2.38 5.22 11.50
N VAL A 143 -3.59 4.65 11.61
CA VAL A 143 -3.80 3.22 11.46
C VAL A 143 -4.39 2.97 10.08
N HIS A 144 -3.72 2.12 9.30
CA HIS A 144 -4.11 1.94 7.91
C HIS A 144 -5.37 1.10 7.78
N ARG A 145 -5.42 -0.03 8.48
CA ARG A 145 -6.57 -0.94 8.56
C ARG A 145 -6.84 -1.71 7.27
N ASP A 146 -6.00 -1.56 6.24
CA ASP A 146 -6.21 -2.30 5.00
C ASP A 146 -4.88 -2.56 4.30
N LEU A 147 -3.86 -2.93 5.07
CA LEU A 147 -2.56 -3.24 4.49
C LEU A 147 -2.60 -4.61 3.83
N ALA A 148 -2.21 -4.66 2.56
CA ALA A 148 -2.19 -5.91 1.80
C ALA A 148 -1.28 -5.71 0.58
N ALA A 149 -0.97 -6.83 -0.08
CA ALA A 149 -0.15 -6.77 -1.27
C ALA A 149 -0.84 -6.00 -2.39
N ARG A 150 -2.17 -6.05 -2.44
CA ARG A 150 -2.92 -5.28 -3.42
C ARG A 150 -2.84 -3.77 -3.16
N ASN A 151 -2.60 -3.37 -1.92
CA ASN A 151 -2.53 -1.95 -1.56
C ASN A 151 -1.10 -1.45 -1.44
N VAL A 152 -0.15 -2.13 -2.07
CA VAL A 152 1.23 -1.66 -2.19
C VAL A 152 1.52 -1.51 -3.68
N LEU A 153 1.74 -0.28 -4.11
CA LEU A 153 1.93 0.04 -5.52
C LEU A 153 3.40 0.12 -5.87
N VAL A 154 3.71 -0.11 -7.15
CA VAL A 154 5.08 -0.21 -7.62
C VAL A 154 5.36 0.99 -8.51
N LYS A 155 6.16 1.93 -8.00
CA LYS A 155 6.63 3.02 -8.85
C LYS A 155 7.70 2.53 -9.82
N THR A 156 8.74 1.91 -9.29
CA THR A 156 9.73 1.14 -10.03
C THR A 156 9.92 -0.17 -9.28
N PRO A 157 10.43 -1.21 -9.94
CA PRO A 157 10.69 -2.47 -9.23
C PRO A 157 11.58 -2.32 -8.00
N GLN A 158 12.27 -1.19 -7.84
CA GLN A 158 13.11 -0.93 -6.68
C GLN A 158 12.46 0.00 -5.66
N HIS A 159 11.24 0.47 -5.92
CA HIS A 159 10.61 1.48 -5.08
C HIS A 159 9.10 1.25 -5.05
N VAL A 160 8.57 0.90 -3.87
CA VAL A 160 7.15 0.66 -3.70
C VAL A 160 6.61 1.62 -2.65
N LYS A 161 5.29 1.84 -2.70
CA LYS A 161 4.62 2.76 -1.79
C LYS A 161 3.30 2.17 -1.34
N ILE A 162 2.91 2.51 -0.11
CA ILE A 162 1.64 2.06 0.46
C ILE A 162 0.54 2.99 -0.02
N THR A 163 -0.62 2.42 -0.36
CA THR A 163 -1.72 3.19 -0.94
C THR A 163 -3.03 2.76 -0.28
N ASP A 164 -4.13 3.30 -0.82
CA ASP A 164 -5.50 2.97 -0.41
C ASP A 164 -5.74 3.30 1.05
N PHE A 165 -6.15 4.54 1.32
CA PHE A 165 -6.45 5.00 2.67
C PHE A 165 -7.94 5.17 2.89
N GLY A 166 -8.76 4.34 2.25
CA GLY A 166 -10.20 4.44 2.42
C GLY A 166 -10.67 4.02 3.80
N LEU A 167 -9.91 3.17 4.47
CA LEU A 167 -10.24 2.71 5.82
C LEU A 167 -9.31 3.29 6.87
N ALA A 168 -8.39 4.18 6.49
CA ALA A 168 -7.40 4.68 7.43
C ALA A 168 -8.04 5.61 8.46
N LYS A 169 -7.51 5.55 9.68
CA LYS A 169 -8.01 6.35 10.79
C LYS A 169 -6.84 7.01 11.52
N LEU A 170 -7.09 8.21 12.02
CA LEU A 170 -6.11 8.96 12.81
C LEU A 170 -6.51 8.90 14.28
N LEU A 171 -5.59 8.53 15.13
CA LEU A 171 -5.91 8.32 16.55
C LEU A 171 -5.62 9.60 17.35
N GLY A 172 -6.51 9.93 18.29
CA GLY A 172 -6.25 11.08 19.18
C GLY A 172 -5.09 10.76 20.09
N ALA A 173 -4.49 11.76 20.73
CA ALA A 173 -3.27 11.50 21.53
C ALA A 173 -3.65 10.70 22.77
N GLU A 174 -4.94 10.44 22.95
CA GLU A 174 -5.36 9.60 24.09
C GLU A 174 -5.99 8.32 23.53
N GLU A 175 -6.36 8.34 22.26
CA GLU A 175 -6.91 7.13 21.61
C GLU A 175 -5.75 6.21 21.25
N LYS A 176 -5.63 5.05 21.91
CA LYS A 176 -4.53 4.09 21.65
C LYS A 176 -5.05 3.03 20.71
N GLU A 177 -6.35 2.80 20.77
CA GLU A 177 -7.03 1.86 19.89
C GLU A 177 -8.19 2.54 19.19
N TYR A 178 -8.65 1.94 18.10
CA TYR A 178 -9.78 2.45 17.32
C TYR A 178 -10.88 1.40 17.31
N HIS A 179 -12.01 1.71 17.95
CA HIS A 179 -13.17 0.84 17.95
C HIS A 179 -14.03 1.16 16.75
N ALA A 180 -14.06 0.29 15.77
CA ALA A 180 -14.92 0.53 14.62
C ALA A 180 -16.31 -0.05 14.87
N GLU A 181 -17.12 -0.10 13.81
CA GLU A 181 -18.46 -0.69 13.91
C GLU A 181 -18.60 -1.60 12.70
N GLY A 182 -19.81 -1.76 12.19
CA GLY A 182 -20.00 -2.59 11.00
C GLY A 182 -19.25 -2.07 9.79
N GLY A 183 -19.07 -2.92 8.78
CA GLY A 183 -18.38 -2.51 7.54
C GLY A 183 -17.69 -3.69 6.88
N LYS A 184 -17.81 -3.83 5.55
CA LYS A 184 -17.08 -4.90 4.84
C LYS A 184 -15.59 -4.73 5.14
N VAL A 185 -15.00 -5.69 5.85
CA VAL A 185 -13.59 -5.57 6.27
C VAL A 185 -12.84 -6.82 5.80
N PRO A 186 -11.65 -6.70 5.17
CA PRO A 186 -10.91 -7.88 4.68
C PRO A 186 -10.52 -8.82 5.80
N ILE A 187 -11.31 -9.88 5.99
CA ILE A 187 -11.16 -10.74 7.15
C ILE A 187 -9.79 -11.43 7.16
N LYS A 188 -9.36 -11.93 6.00
CA LYS A 188 -8.15 -12.76 5.97
C LYS A 188 -6.86 -11.96 6.12
N TRP A 189 -6.92 -10.65 6.32
CA TRP A 189 -5.75 -9.83 6.59
C TRP A 189 -5.80 -9.21 7.98
N MET A 190 -6.89 -9.37 8.71
CA MET A 190 -7.08 -8.71 9.99
C MET A 190 -6.52 -9.55 11.13
N ALA A 191 -6.10 -8.85 12.19
CA ALA A 191 -5.70 -9.52 13.41
C ALA A 191 -6.91 -10.12 14.12
N LEU A 192 -6.66 -11.04 15.04
CA LEU A 192 -7.74 -11.73 15.72
C LEU A 192 -8.59 -10.75 16.54
N GLU A 193 -7.95 -9.77 17.19
CA GLU A 193 -8.70 -8.80 17.97
C GLU A 193 -9.55 -7.90 17.07
N SER A 194 -9.15 -7.73 15.81
CA SER A 194 -9.95 -6.93 14.89
C SER A 194 -11.17 -7.70 14.41
N ILE A 195 -11.08 -9.03 14.35
CA ILE A 195 -12.22 -9.83 13.93
C ILE A 195 -13.20 -10.03 15.09
N LEU A 196 -12.69 -10.25 16.30
CA LEU A 196 -13.57 -10.51 17.43
C LEU A 196 -14.19 -9.23 17.97
N HIS A 197 -13.35 -8.23 18.26
CA HIS A 197 -13.79 -7.02 18.95
C HIS A 197 -13.79 -5.78 18.07
N ARG A 198 -13.41 -5.90 16.80
CA ARG A 198 -13.34 -4.76 15.87
C ARG A 198 -12.45 -3.65 16.42
N ILE A 199 -11.32 -4.04 16.98
CA ILE A 199 -10.32 -3.12 17.50
C ILE A 199 -9.15 -3.07 16.52
N TYR A 200 -8.70 -1.87 16.19
CA TYR A 200 -7.60 -1.67 15.25
C TYR A 200 -6.54 -0.79 15.89
N THR A 201 -5.31 -1.28 15.89
CA THR A 201 -4.16 -0.55 16.41
C THR A 201 -3.03 -0.63 15.39
N HIS A 202 -1.91 0.02 15.71
CA HIS A 202 -0.71 -0.15 14.90
C HIS A 202 -0.21 -1.58 14.96
N GLN A 203 -0.49 -2.29 16.05
CA GLN A 203 -0.08 -3.69 16.16
C GLN A 203 -1.00 -4.60 15.37
N SER A 204 -2.25 -4.19 15.14
CA SER A 204 -3.11 -4.93 14.23
C SER A 204 -2.69 -4.72 12.78
N ASP A 205 -2.11 -3.55 12.48
CA ASP A 205 -1.47 -3.36 11.17
C ASP A 205 -0.25 -4.26 11.00
N VAL A 206 0.43 -4.58 12.11
CA VAL A 206 1.58 -5.48 12.04
C VAL A 206 1.13 -6.87 11.60
N TRP A 207 -0.03 -7.32 12.10
CA TRP A 207 -0.58 -8.58 11.63
C TRP A 207 -0.80 -8.55 10.12
N SER A 208 -1.42 -7.47 9.63
CA SER A 208 -1.64 -7.33 8.19
C SER A 208 -0.31 -7.27 7.44
N TYR A 209 0.73 -6.71 8.08
CA TYR A 209 2.05 -6.71 7.46
C TYR A 209 2.57 -8.14 7.27
N GLY A 210 2.35 -8.99 8.27
CA GLY A 210 2.79 -10.38 8.15
C GLY A 210 2.08 -11.11 7.03
N VAL A 211 0.78 -10.90 6.88
CA VAL A 211 0.04 -11.50 5.79
C VAL A 211 0.53 -10.94 4.45
N THR A 212 0.86 -9.65 4.40
CA THR A 212 1.37 -9.05 3.19
C THR A 212 2.69 -9.67 2.78
N VAL A 213 3.60 -9.88 3.74
CA VAL A 213 4.86 -10.56 3.46
C VAL A 213 4.60 -11.97 2.96
N TRP A 214 3.60 -12.65 3.54
CA TRP A 214 3.28 -14.00 3.11
C TRP A 214 2.79 -14.02 1.66
N GLU A 215 2.05 -12.98 1.25
CA GLU A 215 1.64 -12.89 -0.15
C GLU A 215 2.85 -12.76 -1.07
N LEU A 216 3.83 -11.95 -0.66
CA LEU A 216 5.02 -11.75 -1.49
C LEU A 216 5.85 -13.02 -1.58
N MET A 217 6.07 -13.69 -0.44
CA MET A 217 6.93 -14.86 -0.42
C MET A 217 6.32 -16.06 -1.14
N THR A 218 4.99 -16.10 -1.25
CA THR A 218 4.32 -17.11 -2.06
C THR A 218 4.06 -16.64 -3.48
N PHE A 219 4.59 -15.47 -3.85
CA PHE A 219 4.43 -14.91 -5.19
C PHE A 219 2.96 -14.68 -5.54
N GLY A 220 2.19 -14.26 -4.55
CA GLY A 220 0.82 -13.84 -4.78
C GLY A 220 -0.26 -14.87 -4.48
N SER A 221 0.00 -15.85 -3.62
CA SER A 221 -1.02 -16.81 -3.26
C SER A 221 -2.07 -16.14 -2.36
N LYS A 222 -3.27 -16.70 -2.38
CA LYS A 222 -4.35 -16.14 -1.56
C LYS A 222 -4.28 -16.74 -0.15
N PRO A 223 -4.35 -15.90 0.89
CA PRO A 223 -4.30 -16.45 2.25
C PRO A 223 -5.55 -17.26 2.57
N TYR A 224 -5.34 -18.43 3.17
CA TYR A 224 -6.43 -19.35 3.52
C TYR A 224 -7.30 -19.64 2.30
N ASP A 225 -6.64 -20.05 1.21
CA ASP A 225 -7.34 -20.27 -0.04
C ASP A 225 -8.35 -21.40 0.09
N GLY A 226 -9.61 -21.10 -0.24
CA GLY A 226 -10.68 -22.06 -0.14
C GLY A 226 -11.48 -21.99 1.14
N ILE A 227 -10.89 -21.48 2.21
CA ILE A 227 -11.59 -21.39 3.50
C ILE A 227 -12.51 -20.17 3.46
N PRO A 228 -13.79 -20.31 3.79
CA PRO A 228 -14.67 -19.14 3.87
C PRO A 228 -14.25 -18.25 5.03
N ALA A 229 -14.55 -16.95 4.87
CA ALA A 229 -14.07 -15.95 5.83
C ALA A 229 -14.64 -16.18 7.23
N SER A 230 -15.83 -16.78 7.33
CA SER A 230 -16.45 -16.97 8.63
C SER A 230 -15.72 -17.99 9.50
N GLU A 231 -14.87 -18.82 8.92
CA GLU A 231 -14.10 -19.79 9.68
C GLU A 231 -12.76 -19.26 10.17
N ILE A 232 -12.33 -18.09 9.68
CA ILE A 232 -10.99 -17.61 10.00
C ILE A 232 -10.85 -17.35 11.50
N SER A 233 -11.88 -16.78 12.13
CA SER A 233 -11.81 -16.48 13.55
C SER A 233 -11.64 -17.76 14.38
N SER A 234 -12.31 -18.84 13.98
CA SER A 234 -12.15 -20.10 14.69
C SER A 234 -10.85 -20.81 14.34
N ILE A 235 -10.37 -20.65 13.10
CA ILE A 235 -9.09 -21.23 12.71
C ILE A 235 -7.96 -20.58 13.51
N LEU A 236 -8.00 -19.25 13.64
CA LEU A 236 -6.92 -18.54 14.34
C LEU A 236 -6.94 -18.85 15.84
N GLU A 237 -8.13 -19.01 16.42
CA GLU A 237 -8.22 -19.26 17.86
C GLU A 237 -7.62 -20.60 18.25
N LYS A 238 -7.73 -21.62 17.38
CA LYS A 238 -7.14 -22.91 17.68
C LYS A 238 -5.62 -22.88 17.60
N GLY A 239 -5.03 -21.80 17.09
CA GLY A 239 -3.58 -21.68 16.97
C GLY A 239 -3.06 -21.84 15.57
N GLU A 240 -3.92 -21.97 14.57
CA GLU A 240 -3.50 -22.20 13.20
C GLU A 240 -3.15 -20.89 12.51
N ARG A 241 -2.08 -20.90 11.73
CA ARG A 241 -1.61 -19.72 11.00
C ARG A 241 -1.30 -20.11 9.55
N LEU A 242 -0.86 -19.13 8.78
CA LEU A 242 -0.48 -19.39 7.40
C LEU A 242 0.78 -20.24 7.34
N PRO A 243 0.92 -21.10 6.33
CA PRO A 243 2.04 -22.02 6.28
C PRO A 243 3.34 -21.32 5.87
N GLN A 244 4.43 -22.06 6.02
CA GLN A 244 5.76 -21.54 5.68
C GLN A 244 5.98 -21.62 4.18
N PRO A 245 6.22 -20.50 3.50
CA PRO A 245 6.44 -20.57 2.06
C PRO A 245 7.71 -21.33 1.75
N PRO A 246 7.76 -22.00 0.60
CA PRO A 246 8.91 -22.86 0.29
C PRO A 246 10.23 -22.10 0.22
N ILE A 247 10.22 -20.86 -0.27
CA ILE A 247 11.47 -20.10 -0.38
C ILE A 247 11.94 -19.53 0.95
N CYS A 248 11.10 -19.58 1.99
CA CYS A 248 11.41 -18.91 3.25
C CYS A 248 12.23 -19.81 4.15
N THR A 249 13.38 -19.33 4.58
CA THR A 249 14.09 -19.95 5.68
C THR A 249 13.29 -19.75 6.97
N ILE A 250 13.70 -20.46 8.03
CA ILE A 250 13.00 -20.33 9.30
C ILE A 250 13.16 -18.92 9.86
N ASP A 251 14.24 -18.22 9.49
CA ASP A 251 14.44 -16.86 9.96
C ASP A 251 13.34 -15.93 9.47
N VAL A 252 12.99 -16.03 8.19
CA VAL A 252 11.94 -15.18 7.64
C VAL A 252 10.57 -15.63 8.14
N TYR A 253 10.34 -16.94 8.23
CA TYR A 253 9.04 -17.43 8.70
C TYR A 253 8.82 -17.12 10.16
N MET A 254 9.89 -17.09 10.97
CA MET A 254 9.75 -16.73 12.37
C MET A 254 9.25 -15.30 12.52
N ILE A 255 9.68 -14.41 11.64
CA ILE A 255 9.19 -13.03 11.67
C ILE A 255 7.70 -12.97 11.34
N MET A 256 7.27 -13.74 10.34
CA MET A 256 5.85 -13.78 9.99
C MET A 256 5.01 -14.32 11.13
N VAL A 257 5.50 -15.37 11.80
CA VAL A 257 4.77 -15.94 12.94
C VAL A 257 4.64 -14.92 14.06
N LYS A 258 5.70 -14.14 14.30
CA LYS A 258 5.65 -13.15 15.38
C LYS A 258 4.64 -12.06 15.09
N CYS A 259 4.39 -11.76 13.82
CA CYS A 259 3.35 -10.80 13.47
C CYS A 259 1.95 -11.33 13.73
N TRP A 260 1.81 -12.63 13.97
CA TRP A 260 0.50 -13.27 14.15
C TRP A 260 0.29 -13.78 15.58
N MET A 261 0.97 -13.17 16.53
CA MET A 261 0.78 -13.52 17.94
C MET A 261 -0.55 -13.01 18.44
N ILE A 262 -1.11 -13.72 19.43
CA ILE A 262 -2.37 -13.28 20.03
C ILE A 262 -2.17 -12.00 20.82
N ASP A 263 -1.10 -11.93 21.60
CA ASP A 263 -0.76 -10.71 22.33
C ASP A 263 -0.22 -9.67 21.34
N ALA A 264 -1.02 -8.62 21.09
CA ALA A 264 -0.65 -7.62 20.10
C ALA A 264 0.63 -6.89 20.49
N ASP A 265 0.88 -6.72 21.78
CA ASP A 265 2.12 -6.12 22.25
C ASP A 265 3.32 -7.05 22.12
N SER A 266 3.10 -8.35 21.89
CA SER A 266 4.22 -9.25 21.65
C SER A 266 4.65 -9.27 20.20
N ARG A 267 3.80 -8.79 19.29
CA ARG A 267 4.18 -8.69 17.90
C ARG A 267 5.27 -7.64 17.72
N PRO A 268 6.15 -7.81 16.73
CA PRO A 268 7.22 -6.84 16.53
C PRO A 268 6.67 -5.49 16.08
N LYS A 269 7.42 -4.44 16.40
CA LYS A 269 7.07 -3.11 15.93
C LYS A 269 7.62 -2.90 14.52
N PHE A 270 7.04 -1.92 13.83
CA PHE A 270 7.47 -1.62 12.46
C PHE A 270 8.93 -1.16 12.42
N ARG A 271 9.35 -0.38 13.42
CA ARG A 271 10.75 0.07 13.45
C ARG A 271 11.71 -1.10 13.60
N GLU A 272 11.25 -2.20 14.22
CA GLU A 272 12.08 -3.38 14.38
C GLU A 272 12.04 -4.27 13.14
N LEU A 273 10.89 -4.29 12.45
CA LEU A 273 10.82 -5.00 11.18
C LEU A 273 11.72 -4.36 10.13
N ILE A 274 11.91 -3.04 10.20
CA ILE A 274 12.85 -2.37 9.33
C ILE A 274 14.26 -2.91 9.55
N ILE A 275 14.65 -3.05 10.82
CA ILE A 275 16.01 -3.45 11.16
C ILE A 275 16.27 -4.90 10.72
N GLU A 276 15.34 -5.80 11.04
CA GLU A 276 15.56 -7.21 10.77
C GLU A 276 15.64 -7.50 9.28
N PHE A 277 14.67 -7.02 8.50
CA PHE A 277 14.71 -7.24 7.05
C PHE A 277 15.88 -6.51 6.41
N SER A 278 16.34 -5.41 7.01
CA SER A 278 17.52 -4.72 6.50
C SER A 278 18.76 -5.57 6.65
N LYS A 279 18.90 -6.28 7.77
CA LYS A 279 20.02 -7.21 7.94
C LYS A 279 19.96 -8.31 6.89
N MET A 280 18.78 -8.88 6.68
CA MET A 280 18.65 -9.97 5.73
C MET A 280 18.82 -9.50 4.29
N ALA A 281 18.50 -8.23 4.02
CA ALA A 281 18.71 -7.68 2.68
C ALA A 281 20.19 -7.55 2.33
N ARG A 282 21.08 -7.56 3.33
CA ARG A 282 22.51 -7.51 3.05
C ARG A 282 23.09 -8.86 2.69
N ASP A 283 22.34 -9.95 2.91
CA ASP A 283 22.74 -11.29 2.47
C ASP A 283 21.48 -12.05 2.08
N PRO A 284 20.86 -11.66 0.95
CA PRO A 284 19.49 -12.12 0.67
C PRO A 284 19.37 -13.61 0.45
N GLN A 285 20.32 -14.24 -0.25
CA GLN A 285 20.22 -15.67 -0.53
C GLN A 285 20.44 -16.52 0.72
N ARG A 286 20.84 -15.93 1.84
CA ARG A 286 20.94 -16.66 3.09
C ARG A 286 19.57 -16.84 3.76
N TYR A 287 18.60 -16.01 3.40
CA TYR A 287 17.29 -16.04 4.04
C TYR A 287 16.14 -16.36 3.10
N LEU A 288 16.36 -16.31 1.79
CA LEU A 288 15.36 -16.73 0.81
C LEU A 288 16.05 -17.60 -0.23
N VAL A 289 15.61 -18.85 -0.34
CA VAL A 289 16.18 -19.81 -1.27
C VAL A 289 15.29 -19.83 -2.50
N ILE A 290 15.78 -19.26 -3.60
CA ILE A 290 15.03 -19.17 -4.85
C ILE A 290 15.89 -19.73 -5.98
N GLN A 291 15.32 -20.64 -6.76
CA GLN A 291 16.05 -21.24 -7.87
C GLN A 291 16.37 -20.19 -8.93
N GLY A 292 17.64 -20.09 -9.29
CA GLY A 292 18.04 -19.10 -10.28
C GLY A 292 17.98 -17.68 -9.79
N ASP A 293 18.26 -17.45 -8.51
CA ASP A 293 18.16 -16.12 -7.94
C ASP A 293 19.22 -15.18 -8.52
N GLU A 294 20.42 -15.71 -8.78
CA GLU A 294 21.53 -14.90 -9.26
C GLU A 294 21.38 -14.47 -10.72
N ARG A 295 20.38 -14.98 -11.43
CA ARG A 295 20.27 -14.64 -12.87
C ARG A 295 19.02 -13.81 -13.14
N MET A 296 18.18 -13.60 -12.13
CA MET A 296 16.95 -12.85 -12.34
C MET A 296 17.21 -11.36 -12.41
N HIS A 297 16.46 -10.68 -13.29
CA HIS A 297 16.61 -9.25 -13.52
C HIS A 297 15.25 -8.66 -13.83
N LEU A 298 14.91 -7.57 -13.14
CA LEU A 298 13.67 -6.86 -13.33
C LEU A 298 13.92 -5.53 -14.02
N PRO A 299 12.97 -5.05 -14.86
CA PRO A 299 13.21 -3.83 -15.63
C PRO A 299 13.26 -2.57 -14.78
N SER A 300 13.47 -1.42 -15.41
CA SER A 300 13.44 -0.12 -14.75
C SER A 300 13.55 1.00 -15.78
N PRO A 301 12.57 1.13 -16.69
CA PRO A 301 12.66 2.18 -17.72
C PRO A 301 12.37 3.57 -17.17
N ASN A 305 9.38 8.00 -23.70
CA ASN A 305 9.88 6.64 -23.88
C ASN A 305 8.85 5.63 -23.41
N PHE A 306 9.10 4.99 -22.27
CA PHE A 306 8.10 4.10 -21.70
C PHE A 306 6.90 4.87 -21.18
N TYR A 307 7.08 6.17 -20.92
CA TYR A 307 5.95 7.05 -20.61
C TYR A 307 5.10 7.30 -21.85
N ARG A 308 5.74 7.48 -22.99
CA ARG A 308 4.97 7.65 -24.25
C ARG A 308 4.02 6.46 -24.44
N ALA A 309 4.48 5.25 -24.13
CA ALA A 309 3.63 4.07 -24.23
C ALA A 309 2.60 4.03 -23.10
N LEU A 310 3.09 4.22 -21.88
CA LEU A 310 2.21 4.18 -20.67
C LEU A 310 1.22 5.32 -20.75
N MET A 311 1.46 6.28 -21.61
CA MET A 311 0.47 7.36 -21.80
C MET A 311 -0.10 7.21 -23.22
N ASP A 312 0.58 7.80 -24.22
CA ASP A 312 0.15 7.73 -25.63
C ASP A 312 0.83 8.89 -26.32
N GLU A 313 0.84 10.01 -25.62
CA GLU A 313 1.41 11.21 -26.21
C GLU A 313 2.90 11.04 -26.37
N GLU A 314 3.48 11.75 -27.32
CA GLU A 314 4.96 11.77 -27.35
C GLU A 314 5.27 13.10 -26.65
N ASP A 315 6.18 13.91 -27.19
CA ASP A 315 6.51 15.16 -26.45
C ASP A 315 6.46 14.83 -24.97
N MET A 316 6.93 13.64 -24.58
CA MET A 316 7.02 13.31 -23.14
C MET A 316 8.41 13.74 -22.72
N ASP A 317 8.86 14.88 -23.24
CA ASP A 317 10.18 15.42 -22.90
C ASP A 317 10.07 16.29 -21.66
N ASP A 318 8.85 16.76 -21.36
CA ASP A 318 8.66 17.55 -20.16
C ASP A 318 7.98 16.75 -19.06
N VAL A 319 8.08 15.41 -19.11
CA VAL A 319 7.48 14.59 -18.08
C VAL A 319 8.26 14.74 -16.79
N VAL A 320 7.52 14.89 -15.68
CA VAL A 320 8.12 15.01 -14.36
C VAL A 320 7.33 14.13 -13.40
N ASP A 321 8.00 13.22 -12.72
CA ASP A 321 7.35 12.40 -11.72
C ASP A 321 6.89 13.28 -10.56
N ALA A 322 5.81 12.84 -9.89
CA ALA A 322 5.27 13.62 -8.79
C ALA A 322 6.26 13.79 -7.65
N ASP A 323 7.20 12.84 -7.50
CA ASP A 323 8.20 12.96 -6.44
C ASP A 323 9.21 14.06 -6.74
N GLU A 324 9.28 14.54 -7.98
CA GLU A 324 10.16 15.64 -8.34
C GLU A 324 9.41 16.95 -8.54
N TYR A 325 8.09 16.96 -8.37
CA TYR A 325 7.27 18.16 -8.47
C TYR A 325 6.76 18.49 -7.07
N LEU A 326 7.42 19.43 -6.41
CA LEU A 326 7.15 19.77 -5.02
C LEU A 326 6.50 21.14 -4.94
N ILE A 327 5.41 21.23 -4.18
CA ILE A 327 4.59 22.43 -3.95
C ILE A 327 4.88 23.62 -4.87
C10 R28 B . -3.59 3.28 -8.57
C15 R28 B . -2.20 0.29 -11.31
C20 R28 B . -3.65 -4.20 -8.42
C22 R28 B . -2.05 -1.21 -13.21
C24 R28 B . -3.29 -2.48 -14.95
C26 R28 B . -1.80 -4.88 -14.59
C28 R28 B . -0.24 -6.07 -16.10
C01 R28 B . -7.43 1.77 -5.63
C03 R28 B . -6.67 1.21 -7.95
C04 R28 B . -5.62 1.63 -8.78
C05 R28 B . -5.56 1.04 -10.02
C06 R28 B . -6.50 0.12 -10.43
C07 R28 B . -7.53 -0.27 -9.58
C08 R28 B . -7.64 0.27 -8.32
C09 R28 B . -4.82 2.60 -8.09
C12 R28 B . -1.82 3.19 -10.14
C14 R28 B . -1.45 1.33 -11.91
C16 R28 B . -2.51 -0.95 -11.89
C18 R28 B . -3.39 -2.19 -9.82
C19 R28 B . -4.23 -3.27 -9.22
C25 R28 B . -1.70 -3.75 -13.50
C29 R28 B . 0.36 -3.90 -15.24
C30 R28 B . -1.31 -0.19 -13.82
C31 R28 B . -1.01 1.04 -13.21
C33 R28 B . -0.48 2.05 -15.25
C35 R28 B . -1.86 4.94 -8.64
C36 R28 B . -3.02 4.48 -8.05
C37 R28 B . -3.57 5.22 -6.95
C39 R28 B . -5.76 6.11 -7.16
C40 R28 B . -6.45 7.35 -7.73
C41 R28 B . -6.21 5.87 -5.73
C43 R28 B . -5.42 2.72 -6.85
N02 R28 B . -6.54 1.91 -6.76
N11 R28 B . -2.97 2.67 -9.60
N13 R28 B . -1.17 2.55 -11.22
N17 R28 B . -3.28 -1.96 -11.19
N23 R28 B . -2.33 -2.45 -13.87
N27 R28 B . -0.78 -4.73 -15.70
N34 R28 B . -1.24 4.33 -9.67
O21 R28 B . -2.78 -1.49 -9.03
O32 R28 B . -0.28 1.98 -13.87
O38 R28 B . -4.35 6.28 -7.15
O42 R28 B . -3.30 4.96 -5.85
#